data_5AHN
#
_entry.id   5AHN
#
_cell.length_a   116.551
_cell.length_b   116.551
_cell.length_c   58.247
_cell.angle_alpha   90.00
_cell.angle_beta   90.00
_cell.angle_gamma   90.00
#
_symmetry.space_group_name_H-M   'I 4'
#
loop_
_entity.id
_entity.type
_entity.pdbx_description
1 polymer "INOSINE-5'-MONOPHOSPHATE DEHYDROGENASE"
2 non-polymer 'INOSINIC ACID'
3 non-polymer 'MAGNESIUM ION'
4 water water
#
_entity_poly.entity_id   1
_entity_poly.type   'polypeptide(L)'
_entity_poly.pdbx_seq_one_letter_code
;MLRISQEALTFDDVLLIPGYSEVLPKDVSLKTRLTRGIELNIPLVSAAMDTVTEARLAIAMAQEGGIGIIHKNMGIEQQA
AEVRKVKKHETAIVRDPVTVTPSTKIIELLQMAREYGFSGFPVVEQGELVGIVTGRDLRVKPNAGDTVAAIMTPKDKLVT
AREGTPLEEMKAKLYENRIEKMLVVDENFYLRGLVTFRNIEKAKTYPLASKDEQGRLRVGAAVGTGADTGERVAALVAAG
VDVVVVDTAHGHSKGVIERVRWVKQTFPDVQVIGGNIATAEAAKALAEAGADAVKVGIGPGSICTTRIVAGVGVPQISAI
ANVAAALEGTGVPLIADGGIRFSGDLAKAMVAGAYCVMMGSMFAGTEEAPGEIELFQGRSYKSYRGMGSLGAMSGSQGSS
DRYFQDASAGAEKLVPEGIEGRVPYKGALSAIVHQLMGGLRAAMGYTGSADIQQMRTQPQFVRITGAGMAESHVHDVQIT
KEAPNYRVG
;
_entity_poly.pdbx_strand_id   A
#
loop_
_chem_comp.id
_chem_comp.type
_chem_comp.name
_chem_comp.formula
IMP non-polymer 'INOSINIC ACID' 'C10 H13 N4 O8 P'
MG non-polymer 'MAGNESIUM ION' 'Mg 2'
#
# COMPACT_ATOMS: atom_id res chain seq x y z
N MET A 1 -19.78 -30.77 2.60
CA MET A 1 -20.18 -29.87 3.68
C MET A 1 -18.99 -29.02 4.13
N LEU A 2 -17.85 -29.22 3.49
CA LEU A 2 -16.69 -28.37 3.69
C LEU A 2 -17.06 -26.93 3.35
N ARG A 3 -16.79 -25.99 4.27
CA ARG A 3 -17.23 -24.60 4.08
C ARG A 3 -16.21 -23.84 3.24
N ILE A 4 -16.40 -23.87 1.93
CA ILE A 4 -15.54 -23.16 1.00
C ILE A 4 -16.26 -21.94 0.44
N SER A 5 -15.71 -20.76 0.68
CA SER A 5 -16.33 -19.52 0.24
C SER A 5 -16.19 -19.32 -1.25
N GLN A 6 -14.98 -19.54 -1.77
CA GLN A 6 -14.71 -19.35 -3.18
C GLN A 6 -13.38 -19.97 -3.54
N GLU A 7 -13.12 -20.09 -4.83
CA GLU A 7 -11.76 -20.31 -5.31
C GLU A 7 -11.09 -18.94 -5.37
N ALA A 8 -9.86 -18.84 -4.86
CA ALA A 8 -9.20 -17.54 -4.80
C ALA A 8 -7.89 -17.57 -5.59
N LEU A 9 -7.59 -16.46 -6.27
CA LEU A 9 -6.50 -16.42 -7.24
C LEU A 9 -5.35 -15.55 -6.79
N THR A 10 -4.14 -15.98 -7.12
CA THR A 10 -2.94 -15.18 -6.88
C THR A 10 -2.39 -14.64 -8.20
N PHE A 11 -1.27 -13.93 -8.12
CA PHE A 11 -0.71 -13.27 -9.30
C PHE A 11 -0.46 -14.24 -10.46
N ASP A 12 0.14 -15.38 -10.15
CA ASP A 12 0.51 -16.32 -11.21
C ASP A 12 -0.69 -17.01 -11.85
N ASP A 13 -1.88 -16.89 -11.25
CA ASP A 13 -3.09 -17.47 -11.82
C ASP A 13 -3.68 -16.69 -13.00
N VAL A 14 -3.22 -15.45 -13.19
CA VAL A 14 -3.87 -14.57 -14.17
C VAL A 14 -2.87 -13.83 -15.04
N LEU A 15 -3.33 -13.43 -16.22
CA LEU A 15 -2.60 -12.54 -17.11
C LEU A 15 -3.52 -11.46 -17.61
N LEU A 16 -2.97 -10.28 -17.90
CA LEU A 16 -3.75 -9.18 -18.46
C LEU A 16 -3.97 -9.37 -19.96
N ILE A 17 -5.19 -9.13 -20.41
CA ILE A 17 -5.52 -9.21 -21.83
C ILE A 17 -5.24 -7.88 -22.53
N PRO A 18 -4.52 -7.90 -23.66
CA PRO A 18 -4.30 -6.65 -24.39
C PRO A 18 -5.62 -6.07 -24.89
N GLY A 19 -5.70 -4.75 -24.92
CA GLY A 19 -6.88 -4.06 -25.43
C GLY A 19 -6.44 -2.96 -26.37
N TYR A 20 -7.40 -2.34 -27.06
CA TYR A 20 -7.06 -1.29 -28.01
C TYR A 20 -6.34 -0.13 -27.32
N SER A 21 -5.20 0.26 -27.86
CA SER A 21 -4.37 1.26 -27.22
C SER A 21 -3.97 2.40 -28.14
N GLU A 22 -4.01 3.62 -27.60
CA GLU A 22 -3.54 4.80 -28.34
C GLU A 22 -2.50 5.59 -27.56
N VAL A 23 -2.44 5.39 -26.25
CA VAL A 23 -1.50 6.16 -25.44
C VAL A 23 -0.28 5.33 -25.15
N LEU A 24 0.88 5.83 -25.57
CA LEU A 24 2.15 5.14 -25.36
C LEU A 24 2.49 5.04 -23.88
N PRO A 25 3.24 3.98 -23.50
CA PRO A 25 3.68 3.82 -22.11
C PRO A 25 4.30 5.09 -21.51
N LYS A 26 5.12 5.80 -22.28
CA LYS A 26 5.79 6.98 -21.76
C LYS A 26 4.81 8.11 -21.44
N ASP A 27 3.61 8.03 -22.00
CA ASP A 27 2.65 9.13 -21.90
C ASP A 27 1.48 8.89 -20.94
N VAL A 28 1.35 7.69 -20.38
CA VAL A 28 0.24 7.46 -19.47
C VAL A 28 0.45 8.18 -18.14
N SER A 29 -0.63 8.38 -17.40
CA SER A 29 -0.58 9.00 -16.08
C SER A 29 -0.52 7.92 -15.01
N LEU A 30 0.39 8.10 -14.05
CA LEU A 30 0.54 7.17 -12.94
C LEU A 30 -0.02 7.72 -11.61
N LYS A 31 -0.64 8.90 -11.68
CA LYS A 31 -1.15 9.55 -10.48
CA LYS A 31 -1.19 9.59 -10.52
CA LYS A 31 -1.18 9.57 -10.50
C LYS A 31 -2.26 8.75 -9.82
N THR A 32 -2.23 8.71 -8.49
CA THR A 32 -3.23 7.93 -7.76
C THR A 32 -3.43 8.51 -6.36
N ARG A 33 -4.10 7.78 -5.49
CA ARG A 33 -4.28 8.22 -4.10
C ARG A 33 -3.75 7.16 -3.16
N LEU A 34 -3.14 7.61 -2.06
CA LEU A 34 -2.80 6.72 -0.95
C LEU A 34 -3.98 6.59 -0.01
N THR A 35 -4.61 7.72 0.29
CA THR A 35 -5.75 7.80 1.20
C THR A 35 -6.76 8.81 0.67
N ARG A 36 -7.88 8.96 1.35
CA ARG A 36 -8.88 9.98 0.99
CA ARG A 36 -8.87 9.96 0.94
C ARG A 36 -8.23 11.32 0.68
N GLY A 37 -7.30 11.73 1.53
CA GLY A 37 -6.71 13.06 1.44
C GLY A 37 -5.31 13.17 0.87
N ILE A 38 -4.64 12.05 0.61
CA ILE A 38 -3.26 12.10 0.14
C ILE A 38 -3.12 11.54 -1.28
N GLU A 39 -2.63 12.36 -2.19
CA GLU A 39 -2.38 11.94 -3.56
C GLU A 39 -0.91 11.52 -3.72
N LEU A 40 -0.66 10.61 -4.66
CA LEU A 40 0.70 10.19 -5.01
C LEU A 40 0.90 10.30 -6.50
N ASN A 41 2.09 10.71 -6.93
CA ASN A 41 2.38 10.74 -8.37
C ASN A 41 2.78 9.38 -8.95
N ILE A 42 3.19 8.43 -8.12
CA ILE A 42 3.35 7.04 -8.54
C ILE A 42 2.72 6.12 -7.49
N PRO A 43 2.19 4.96 -7.91
CA PRO A 43 1.46 4.09 -6.99
C PRO A 43 2.35 3.15 -6.17
N LEU A 44 3.34 3.72 -5.48
CA LEU A 44 4.32 2.96 -4.75
C LEU A 44 4.47 3.44 -3.31
N VAL A 45 4.45 2.49 -2.38
CA VAL A 45 4.59 2.74 -0.96
C VAL A 45 5.67 1.79 -0.42
N SER A 46 6.57 2.27 0.43
CA SER A 46 7.54 1.35 1.02
C SER A 46 7.06 0.85 2.38
N ALA A 47 7.36 -0.43 2.63
CA ALA A 47 6.86 -1.15 3.80
C ALA A 47 7.45 -0.65 5.11
N ALA A 48 6.63 -0.74 6.17
CA ALA A 48 7.02 -0.42 7.53
C ALA A 48 7.80 -1.58 8.14
N MET A 49 8.93 -1.90 7.52
CA MET A 49 9.81 -2.98 7.96
C MET A 49 11.16 -2.41 8.39
N ASP A 50 11.77 -3.00 9.42
CA ASP A 50 13.04 -2.44 9.91
C ASP A 50 14.22 -2.68 8.96
N THR A 51 14.00 -3.45 7.89
CA THR A 51 15.01 -3.61 6.85
C THR A 51 14.72 -2.74 5.63
N VAL A 52 13.66 -1.96 5.70
CA VAL A 52 13.21 -1.21 4.54
C VAL A 52 13.10 0.30 4.75
N THR A 53 12.23 0.74 5.66
CA THR A 53 11.93 2.17 5.72
C THR A 53 12.29 2.86 7.04
N GLU A 54 13.36 3.64 6.99
CA GLU A 54 13.61 4.68 7.97
C GLU A 54 13.67 5.99 7.20
N ALA A 55 14.11 7.07 7.84
CA ALA A 55 14.02 8.40 7.22
C ALA A 55 14.68 8.46 5.85
N ARG A 56 15.84 7.82 5.70
CA ARG A 56 16.58 7.94 4.46
C ARG A 56 15.78 7.43 3.27
N LEU A 57 15.24 6.23 3.40
CA LEU A 57 14.47 5.64 2.30
C LEU A 57 13.10 6.34 2.15
N ALA A 58 12.51 6.80 3.25
CA ALA A 58 11.23 7.51 3.15
C ALA A 58 11.38 8.83 2.39
N ILE A 59 12.49 9.53 2.63
CA ILE A 59 12.78 10.74 1.86
C ILE A 59 12.88 10.41 0.37
N ALA A 60 13.61 9.37 0.05
CA ALA A 60 13.77 8.95 -1.34
C ALA A 60 12.42 8.57 -1.96
N MET A 61 11.60 7.81 -1.22
CA MET A 61 10.27 7.43 -1.74
C MET A 61 9.41 8.65 -2.03
N ALA A 62 9.38 9.60 -1.11
CA ALA A 62 8.61 10.82 -1.31
C ALA A 62 9.11 11.59 -2.51
N GLN A 63 10.42 11.66 -2.68
CA GLN A 63 11.01 12.37 -3.83
C GLN A 63 10.64 11.73 -5.17
N GLU A 64 10.50 10.41 -5.16
CA GLU A 64 10.13 9.66 -6.35
C GLU A 64 8.65 9.82 -6.70
N GLY A 65 7.85 10.36 -5.78
CA GLY A 65 6.42 10.54 -6.01
C GLY A 65 5.55 9.54 -5.28
N GLY A 66 6.17 8.66 -4.49
CA GLY A 66 5.45 7.74 -3.61
C GLY A 66 5.54 8.18 -2.16
N ILE A 67 5.58 7.22 -1.24
CA ILE A 67 5.67 7.57 0.18
C ILE A 67 6.27 6.40 0.93
N GLY A 68 6.94 6.69 2.05
CA GLY A 68 7.46 5.66 2.91
C GLY A 68 6.71 5.60 4.22
N ILE A 69 6.55 4.40 4.76
CA ILE A 69 5.97 4.22 6.09
C ILE A 69 7.06 3.82 7.08
N ILE A 70 7.42 4.72 7.98
CA ILE A 70 8.47 4.44 8.95
C ILE A 70 8.07 3.27 9.85
N HIS A 71 8.98 2.31 10.00
CA HIS A 71 8.67 1.12 10.79
C HIS A 71 8.56 1.43 12.28
N LYS A 72 7.93 0.54 13.03
CA LYS A 72 7.70 0.80 14.45
C LYS A 72 8.51 -0.07 15.39
N ASN A 73 9.54 -0.74 14.87
CA ASN A 73 10.41 -1.52 15.75
C ASN A 73 11.50 -0.62 16.31
N MET A 74 11.06 0.41 17.00
CA MET A 74 11.95 1.40 17.59
C MET A 74 11.16 2.14 18.66
N GLY A 75 11.86 2.90 19.48
CA GLY A 75 11.21 3.66 20.53
C GLY A 75 10.37 4.77 19.94
N ILE A 76 9.45 5.28 20.74
CA ILE A 76 8.58 6.37 20.33
C ILE A 76 9.38 7.62 19.97
N GLU A 77 10.34 7.97 20.82
CA GLU A 77 11.16 9.15 20.56
C GLU A 77 11.93 9.04 19.25
N GLN A 78 12.47 7.85 18.94
CA GLN A 78 13.21 7.69 17.69
C GLN A 78 12.26 7.75 16.48
N GLN A 79 11.07 7.16 16.60
CA GLN A 79 10.13 7.15 15.47
C GLN A 79 9.64 8.56 15.16
N ALA A 80 9.40 9.36 16.19
CA ALA A 80 9.07 10.76 16.00
C ALA A 80 10.23 11.49 15.33
N ALA A 81 11.45 11.12 15.73
CA ALA A 81 12.63 11.77 15.18
C ALA A 81 12.80 11.41 13.71
N GLU A 82 12.47 10.17 13.36
CA GLU A 82 12.53 9.75 11.96
C GLU A 82 11.55 10.57 11.13
N VAL A 83 10.34 10.74 11.65
CA VAL A 83 9.33 11.54 10.99
C VAL A 83 9.80 13.00 10.81
N ARG A 84 10.37 13.58 11.86
CA ARG A 84 10.87 14.95 11.78
CA ARG A 84 10.84 14.97 11.77
C ARG A 84 11.94 15.11 10.71
N LYS A 85 12.80 14.11 10.57
CA LYS A 85 13.86 14.17 9.56
C LYS A 85 13.27 14.30 8.16
N VAL A 86 12.21 13.55 7.89
CA VAL A 86 11.58 13.63 6.58
C VAL A 86 10.87 14.97 6.39
N LYS A 87 10.13 15.40 7.41
CA LYS A 87 9.34 16.62 7.32
C LYS A 87 10.22 17.86 7.17
N LYS A 88 11.45 17.77 7.68
CA LYS A 88 12.33 18.94 7.69
C LYS A 88 13.32 18.94 6.53
N HIS A 89 13.33 17.86 5.76
CA HIS A 89 14.30 17.72 4.68
C HIS A 89 14.17 18.81 3.61
N THR A 205 16.62 18.06 -8.54
CA THR A 205 15.23 18.38 -8.81
C THR A 205 14.35 17.13 -8.79
N TYR A 206 13.28 17.20 -8.00
CA TYR A 206 12.37 16.07 -7.88
C TYR A 206 10.95 16.54 -8.15
N PRO A 207 10.61 16.68 -9.45
CA PRO A 207 9.33 17.27 -9.86
C PRO A 207 8.11 16.45 -9.43
N LEU A 208 8.29 15.16 -9.18
CA LEU A 208 7.17 14.32 -8.79
C LEU A 208 6.94 14.25 -7.27
N ALA A 209 7.81 14.91 -6.51
CA ALA A 209 7.84 14.72 -5.05
C ALA A 209 6.48 14.85 -4.35
N SER A 210 6.22 13.90 -3.47
CA SER A 210 5.03 13.93 -2.63
C SER A 210 5.18 14.92 -1.49
N LYS A 211 4.38 15.98 -1.51
CA LYS A 211 4.51 17.05 -0.52
C LYS A 211 3.18 17.46 0.08
N ASP A 212 3.21 17.94 1.32
CA ASP A 212 2.02 18.43 1.97
C ASP A 212 1.79 19.87 1.55
N GLU A 213 0.75 20.49 2.10
CA GLU A 213 0.38 21.86 1.75
C GLU A 213 1.47 22.88 2.09
N GLN A 214 2.38 22.52 3.00
CA GLN A 214 3.46 23.43 3.37
C GLN A 214 4.72 23.21 2.54
N GLY A 215 4.64 22.29 1.57
CA GLY A 215 5.78 22.00 0.72
C GLY A 215 6.77 21.03 1.34
N ARG A 216 6.38 20.39 2.44
CA ARG A 216 7.23 19.40 3.08
C ARG A 216 6.96 18.01 2.52
N LEU A 217 8.02 17.21 2.38
CA LEU A 217 7.90 15.83 1.94
C LEU A 217 6.93 15.08 2.84
N ARG A 218 6.08 14.27 2.23
CA ARG A 218 5.13 13.45 3.00
C ARG A 218 5.80 12.24 3.59
N VAL A 219 5.27 11.76 4.71
CA VAL A 219 5.77 10.54 5.33
C VAL A 219 4.66 9.92 6.16
N GLY A 220 4.70 8.60 6.28
CA GLY A 220 3.77 7.88 7.14
C GLY A 220 4.53 7.17 8.24
N ALA A 221 3.81 6.67 9.24
CA ALA A 221 4.44 5.91 10.32
C ALA A 221 3.50 4.85 10.85
N ALA A 222 4.05 3.67 11.16
CA ALA A 222 3.24 2.56 11.62
C ALA A 222 3.08 2.59 13.13
N VAL A 223 1.90 2.19 13.60
CA VAL A 223 1.71 1.89 15.02
C VAL A 223 1.02 0.53 15.14
N GLY A 224 1.09 -0.07 16.33
CA GLY A 224 0.43 -1.33 16.59
C GLY A 224 -0.83 -1.13 17.42
N THR A 225 -1.12 -2.07 18.29
CA THR A 225 -2.30 -1.95 19.13
C THR A 225 -1.94 -2.02 20.62
N GLY A 226 -0.66 -2.27 20.89
CA GLY A 226 -0.15 -2.42 22.25
C GLY A 226 -0.32 -1.21 23.15
N ALA A 227 0.19 -1.31 24.37
CA ALA A 227 -0.05 -0.32 25.42
C ALA A 227 0.49 1.07 25.08
N ASP A 228 1.52 1.13 24.26
CA ASP A 228 2.17 2.41 23.95
C ASP A 228 1.50 3.19 22.81
N THR A 229 0.43 2.65 22.22
CA THR A 229 -0.08 3.19 20.96
C THR A 229 -0.55 4.65 21.03
N GLY A 230 -1.33 4.98 22.06
CA GLY A 230 -1.84 6.33 22.21
C GLY A 230 -0.73 7.36 22.28
N GLU A 231 0.29 7.06 23.08
CA GLU A 231 1.45 7.94 23.24
C GLU A 231 2.25 8.00 21.96
N ARG A 232 2.37 6.87 21.28
CA ARG A 232 3.11 6.80 20.03
C ARG A 232 2.40 7.64 18.96
N VAL A 233 1.10 7.47 18.84
CA VAL A 233 0.34 8.24 17.85
C VAL A 233 0.48 9.74 18.11
N ALA A 234 0.32 10.14 19.37
CA ALA A 234 0.42 11.55 19.72
C ALA A 234 1.78 12.13 19.33
N ALA A 235 2.84 11.37 19.56
CA ALA A 235 4.19 11.84 19.26
C ALA A 235 4.40 11.96 17.75
N LEU A 236 3.89 10.99 17.01
CA LEU A 236 4.01 11.02 15.55
C LEU A 236 3.24 12.20 14.97
N VAL A 237 2.03 12.44 15.48
CA VAL A 237 1.22 13.56 15.00
C VAL A 237 1.94 14.89 15.30
N ALA A 238 2.46 15.02 16.51
CA ALA A 238 3.20 16.21 16.89
C ALA A 238 4.44 16.44 16.01
N ALA A 239 5.01 15.35 15.52
CA ALA A 239 6.20 15.40 14.68
C ALA A 239 5.87 15.79 13.23
N GLY A 240 4.58 15.82 12.92
CA GLY A 240 4.10 16.27 11.63
C GLY A 240 3.82 15.15 10.63
N VAL A 241 3.59 13.94 11.13
CA VAL A 241 3.33 12.80 10.24
C VAL A 241 2.07 13.05 9.40
N ASP A 242 2.12 12.64 8.14
CA ASP A 242 0.98 12.84 7.24
C ASP A 242 -0.06 11.75 7.43
N VAL A 243 0.40 10.55 7.73
CA VAL A 243 -0.52 9.44 7.86
C VAL A 243 -0.03 8.44 8.90
N VAL A 244 -0.94 8.05 9.78
CA VAL A 244 -0.71 7.01 10.77
C VAL A 244 -1.24 5.68 10.23
N VAL A 245 -0.38 4.67 10.20
CA VAL A 245 -0.79 3.34 9.72
C VAL A 245 -0.96 2.39 10.90
N VAL A 246 -2.20 2.08 11.24
CA VAL A 246 -2.45 1.09 12.28
C VAL A 246 -2.29 -0.27 11.60
N ASP A 247 -1.23 -0.98 11.98
CA ASP A 247 -0.63 -2.00 11.13
C ASP A 247 -0.39 -3.26 11.94
N THR A 248 -1.23 -4.29 11.74
CA THR A 248 -1.04 -5.55 12.44
C THR A 248 -1.29 -6.68 11.47
N ALA A 249 -1.05 -7.91 11.95
CA ALA A 249 -1.23 -9.09 11.12
C ALA A 249 -2.71 -9.34 10.82
N HIS A 250 -3.58 -8.80 11.66
CA HIS A 250 -5.01 -9.08 11.51
C HIS A 250 -5.82 -7.82 11.80
N GLY A 251 -6.08 -7.06 10.75
CA GLY A 251 -6.77 -5.80 10.88
C GLY A 251 -8.27 -5.91 11.15
N HIS A 252 -8.86 -7.06 10.85
CA HIS A 252 -10.28 -7.27 11.11
C HIS A 252 -10.45 -7.75 12.55
N SER A 253 -10.09 -6.87 13.48
CA SER A 253 -10.01 -7.24 14.88
C SER A 253 -10.45 -6.05 15.74
N LYS A 254 -10.93 -6.36 16.93
CA LYS A 254 -11.35 -5.31 17.86
C LYS A 254 -10.23 -4.31 18.08
N GLY A 255 -9.02 -4.81 18.31
CA GLY A 255 -7.89 -3.95 18.58
C GLY A 255 -7.63 -2.91 17.49
N VAL A 256 -7.63 -3.35 16.24
CA VAL A 256 -7.28 -2.43 15.17
C VAL A 256 -8.42 -1.48 14.87
N ILE A 257 -9.63 -2.02 14.84
CA ILE A 257 -10.80 -1.23 14.51
C ILE A 257 -11.04 -0.15 15.58
N GLU A 258 -10.91 -0.53 16.85
CA GLU A 258 -10.96 0.47 17.94
C GLU A 258 -9.89 1.55 17.80
N ARG A 259 -8.67 1.15 17.48
CA ARG A 259 -7.58 2.13 17.38
C ARG A 259 -7.79 3.06 16.19
N VAL A 260 -8.25 2.53 15.06
CA VAL A 260 -8.51 3.38 13.91
C VAL A 260 -9.56 4.44 14.27
N ARG A 261 -10.64 4.01 14.90
CA ARG A 261 -11.69 4.97 15.28
C ARG A 261 -11.14 6.01 16.26
N TRP A 262 -10.32 5.56 17.21
CA TRP A 262 -9.74 6.48 18.18
C TRP A 262 -8.84 7.53 17.53
N VAL A 263 -8.01 7.11 16.57
CA VAL A 263 -7.12 8.05 15.92
C VAL A 263 -7.93 9.09 15.12
N LYS A 264 -8.94 8.62 14.40
CA LYS A 264 -9.79 9.51 13.60
C LYS A 264 -10.54 10.51 14.48
N GLN A 265 -10.99 10.08 15.66
CA GLN A 265 -11.76 10.95 16.55
C GLN A 265 -10.88 11.89 17.35
N THR A 266 -9.68 11.44 17.67
CA THR A 266 -8.75 12.20 18.50
C THR A 266 -7.89 13.16 17.69
N PHE A 267 -7.46 12.71 16.51
CA PHE A 267 -6.61 13.51 15.64
C PHE A 267 -7.26 13.62 14.26
N PRO A 268 -8.36 14.38 14.16
CA PRO A 268 -9.12 14.38 12.92
C PRO A 268 -8.35 14.97 11.72
N ASP A 269 -7.27 15.70 11.95
CA ASP A 269 -6.54 16.33 10.87
C ASP A 269 -5.41 15.46 10.30
N VAL A 270 -5.23 14.25 10.82
CA VAL A 270 -4.22 13.33 10.28
C VAL A 270 -4.93 12.25 9.49
N GLN A 271 -4.26 11.69 8.49
CA GLN A 271 -4.83 10.56 7.75
C GLN A 271 -4.55 9.26 8.50
N VAL A 272 -5.46 8.29 8.41
CA VAL A 272 -5.23 7.03 9.08
CA VAL A 272 -5.31 7.01 9.10
C VAL A 272 -5.53 5.85 8.17
N ILE A 273 -4.63 4.88 8.20
CA ILE A 273 -4.76 3.65 7.42
C ILE A 273 -4.92 2.50 8.40
N GLY A 274 -5.79 1.54 8.08
CA GLY A 274 -5.88 0.35 8.89
C GLY A 274 -5.60 -0.90 8.07
N GLY A 275 -4.99 -1.90 8.68
CA GLY A 275 -4.70 -3.14 7.98
C GLY A 275 -4.02 -4.13 8.92
N ASN A 276 -3.72 -5.34 8.45
CA ASN A 276 -4.00 -5.76 7.09
C ASN A 276 -5.27 -6.58 7.03
N ILE A 277 -5.97 -6.51 5.89
CA ILE A 277 -7.21 -7.24 5.73
C ILE A 277 -7.22 -8.00 4.42
N ALA A 278 -8.22 -8.84 4.23
CA ALA A 278 -8.28 -9.60 2.99
C ALA A 278 -9.71 -9.92 2.56
N THR A 279 -10.70 -9.28 3.19
CA THR A 279 -12.10 -9.59 2.88
C THR A 279 -12.94 -8.35 2.72
N ALA A 280 -14.07 -8.50 2.04
CA ALA A 280 -15.02 -7.41 1.92
C ALA A 280 -15.52 -6.94 3.29
N GLU A 281 -15.85 -7.88 4.18
CA GLU A 281 -16.40 -7.54 5.49
CA GLU A 281 -16.43 -7.47 5.46
C GLU A 281 -15.43 -6.70 6.28
N ALA A 282 -14.15 -7.07 6.18
CA ALA A 282 -13.10 -6.35 6.90
C ALA A 282 -12.95 -4.92 6.37
N ALA A 283 -13.06 -4.78 5.05
CA ALA A 283 -12.96 -3.48 4.41
C ALA A 283 -14.07 -2.58 4.90
N LYS A 284 -15.29 -3.12 4.95
CA LYS A 284 -16.44 -2.35 5.39
C LYS A 284 -16.28 -1.95 6.86
N ALA A 285 -15.75 -2.86 7.68
CA ALA A 285 -15.55 -2.56 9.09
C ALA A 285 -14.56 -1.41 9.28
N LEU A 286 -13.44 -1.44 8.58
CA LEU A 286 -12.48 -0.35 8.70
C LEU A 286 -13.01 0.98 8.15
N ALA A 287 -13.72 0.92 7.03
CA ALA A 287 -14.32 2.13 6.47
C ALA A 287 -15.29 2.74 7.49
N GLU A 288 -16.09 1.91 8.11
CA GLU A 288 -17.00 2.39 9.12
C GLU A 288 -16.32 2.96 10.35
N ALA A 289 -15.15 2.48 10.67
CA ALA A 289 -14.36 3.03 11.78
C ALA A 289 -13.74 4.38 11.45
N GLY A 290 -13.77 4.76 10.17
CA GLY A 290 -13.24 6.04 9.75
C GLY A 290 -11.90 5.99 9.02
N ALA A 291 -11.45 4.79 8.66
CA ALA A 291 -10.19 4.66 7.95
C ALA A 291 -10.17 5.50 6.66
N ASP A 292 -9.06 6.19 6.42
CA ASP A 292 -8.88 6.92 5.17
C ASP A 292 -8.34 6.05 4.03
N ALA A 293 -7.87 4.85 4.37
CA ALA A 293 -7.51 3.82 3.38
C ALA A 293 -7.37 2.50 4.13
N VAL A 294 -7.44 1.38 3.40
CA VAL A 294 -7.23 0.07 4.01
C VAL A 294 -6.03 -0.57 3.33
N LYS A 295 -5.35 -1.47 4.05
CA LYS A 295 -4.20 -2.16 3.49
C LYS A 295 -4.52 -3.65 3.42
N VAL A 296 -4.30 -4.21 2.24
CA VAL A 296 -4.72 -5.56 1.89
C VAL A 296 -3.55 -6.53 1.80
N GLY A 297 -3.62 -7.61 2.55
CA GLY A 297 -2.63 -8.67 2.43
C GLY A 297 -2.52 -9.51 3.68
N ILE A 298 -3.10 -10.71 3.61
CA ILE A 298 -2.97 -11.71 4.67
C ILE A 298 -2.49 -12.97 4.02
N GLY A 299 -1.23 -13.31 4.25
N GLY A 299 -1.28 -13.38 4.35
CA GLY A 299 -0.59 -14.40 3.52
CA GLY A 299 -0.66 -14.54 3.73
C GLY A 299 0.52 -14.09 2.52
C GLY A 299 -0.72 -14.56 2.22
N PRO A 300 0.38 -13.03 1.70
N PRO A 300 -0.27 -13.48 1.55
CA PRO A 300 1.29 -12.97 0.55
CA PRO A 300 -0.43 -13.35 0.11
C PRO A 300 2.67 -12.40 0.84
C PRO A 300 0.68 -14.02 -0.60
N GLY A 301 2.87 -11.82 2.03
N GLY A 301 1.61 -14.42 0.22
CA GLY A 301 4.13 -11.16 2.33
CA GLY A 301 2.77 -14.90 -0.41
C GLY A 301 5.11 -12.21 1.91
C GLY A 301 2.83 -16.35 -0.25
N SER A 302 5.93 -11.90 0.89
CA SER A 302 7.10 -12.74 0.54
C SER A 302 7.43 -13.37 1.87
N ILE A 303 6.65 -16.36 1.61
CA ILE A 303 7.51 -16.89 2.71
C ILE A 303 6.61 -16.98 3.83
N CYS A 304 6.16 -14.25 4.83
N CYS A 304 5.43 -17.57 3.51
CA CYS A 304 5.26 -14.41 5.99
CA CYS A 304 4.08 -17.51 4.23
C CYS A 304 4.79 -15.90 6.20
C CYS A 304 4.12 -18.38 5.39
N THR A 305 4.93 -16.40 7.42
N THR A 305 4.89 -17.84 6.30
CA THR A 305 4.77 -17.85 7.58
CA THR A 305 4.83 -18.00 7.69
C THR A 305 3.36 -18.05 8.10
C THR A 305 3.37 -18.03 8.18
N THR A 306 2.53 -17.08 7.77
CA THR A 306 1.11 -17.07 8.18
C THR A 306 0.43 -18.32 7.63
N ARG A 307 0.72 -18.66 6.38
CA ARG A 307 0.13 -19.87 5.82
C ARG A 307 0.68 -21.15 6.47
N ILE A 308 1.99 -21.22 6.71
CA ILE A 308 2.55 -22.45 7.26
C ILE A 308 2.18 -22.63 8.73
N VAL A 309 2.24 -21.55 9.51
CA VAL A 309 2.01 -21.65 10.94
C VAL A 309 0.51 -21.68 11.32
N ALA A 310 -0.29 -20.80 10.72
CA ALA A 310 -1.70 -20.69 11.08
C ALA A 310 -2.65 -21.30 10.06
N GLY A 311 -2.15 -21.58 8.86
CA GLY A 311 -2.97 -22.12 7.80
C GLY A 311 -3.94 -21.11 7.23
N VAL A 312 -3.60 -19.83 7.39
CA VAL A 312 -4.50 -18.71 7.10
C VAL A 312 -3.96 -17.91 5.92
N GLY A 313 -4.85 -17.49 5.03
CA GLY A 313 -4.42 -16.61 3.95
C GLY A 313 -5.49 -16.47 2.89
N VAL A 314 -5.38 -15.40 2.10
CA VAL A 314 -6.23 -15.24 0.92
C VAL A 314 -5.34 -14.82 -0.22
N PRO A 315 -5.30 -15.62 -1.29
CA PRO A 315 -4.54 -15.27 -2.49
C PRO A 315 -4.82 -13.84 -2.91
N GLN A 316 -3.76 -13.11 -3.24
CA GLN A 316 -3.81 -11.65 -3.18
C GLN A 316 -4.64 -11.01 -4.29
N ILE A 317 -4.69 -11.61 -5.48
CA ILE A 317 -5.50 -11.02 -6.53
C ILE A 317 -6.99 -11.02 -6.14
N SER A 318 -7.47 -12.15 -5.61
CA SER A 318 -8.85 -12.20 -5.13
C SER A 318 -9.07 -11.27 -3.93
N ALA A 319 -8.08 -11.20 -3.04
CA ALA A 319 -8.21 -10.37 -1.84
C ALA A 319 -8.40 -8.91 -2.26
N ILE A 320 -7.56 -8.46 -3.20
CA ILE A 320 -7.65 -7.08 -3.71
C ILE A 320 -9.01 -6.83 -4.36
N ALA A 321 -9.42 -7.74 -5.25
CA ALA A 321 -10.68 -7.54 -5.97
C ALA A 321 -11.88 -7.52 -5.02
N ASN A 322 -11.84 -8.37 -3.99
CA ASN A 322 -12.96 -8.44 -3.06
C ASN A 322 -13.05 -7.16 -2.23
N VAL A 323 -11.91 -6.63 -1.82
CA VAL A 323 -11.88 -5.39 -1.08
C VAL A 323 -12.27 -4.20 -1.97
N ALA A 324 -11.76 -4.17 -3.20
CA ALA A 324 -12.09 -3.09 -4.12
C ALA A 324 -13.61 -3.05 -4.36
N ALA A 325 -14.22 -4.21 -4.52
CA ALA A 325 -15.68 -4.24 -4.75
C ALA A 325 -16.43 -3.71 -3.53
N ALA A 326 -15.98 -4.11 -2.34
CA ALA A 326 -16.62 -3.64 -1.11
C ALA A 326 -16.52 -2.13 -0.94
N LEU A 327 -15.41 -1.55 -1.42
CA LEU A 327 -15.18 -0.14 -1.18
C LEU A 327 -15.63 0.76 -2.34
N GLU A 328 -16.15 0.15 -3.40
CA GLU A 328 -16.57 0.93 -4.57
C GLU A 328 -17.60 1.96 -4.14
N GLY A 329 -17.38 3.22 -4.53
CA GLY A 329 -18.30 4.30 -4.19
C GLY A 329 -18.13 4.90 -2.80
N THR A 330 -17.15 4.44 -2.05
CA THR A 330 -16.91 4.98 -0.70
C THR A 330 -15.87 6.09 -0.69
N GLY A 331 -15.04 6.12 -1.72
CA GLY A 331 -13.91 7.03 -1.75
C GLY A 331 -12.72 6.58 -0.92
N VAL A 332 -12.78 5.35 -0.39
CA VAL A 332 -11.69 4.82 0.44
C VAL A 332 -10.70 4.00 -0.41
N PRO A 333 -9.45 4.47 -0.53
CA PRO A 333 -8.46 3.72 -1.31
C PRO A 333 -8.05 2.41 -0.65
N LEU A 334 -7.50 1.49 -1.44
CA LEU A 334 -6.94 0.27 -0.88
C LEU A 334 -5.52 0.10 -1.40
N ILE A 335 -4.66 -0.33 -0.49
CA ILE A 335 -3.23 -0.51 -0.76
C ILE A 335 -2.92 -2.00 -0.79
N ALA A 336 -2.30 -2.47 -1.87
CA ALA A 336 -1.98 -3.90 -1.99
C ALA A 336 -0.61 -4.16 -1.37
N ASP A 337 -0.59 -4.94 -0.30
CA ASP A 337 0.64 -5.13 0.49
C ASP A 337 1.09 -6.58 0.49
N GLY A 338 2.11 -6.89 -0.30
CA GLY A 338 2.75 -8.19 -0.22
C GLY A 338 2.68 -9.02 -1.46
N GLY A 339 3.72 -9.82 -1.67
CA GLY A 339 3.70 -10.85 -2.70
C GLY A 339 4.14 -10.40 -4.08
N ILE A 340 4.59 -9.15 -4.20
CA ILE A 340 4.98 -8.67 -5.52
C ILE A 340 6.47 -8.88 -5.76
N ARG A 341 6.76 -9.74 -6.73
CA ARG A 341 8.13 -10.12 -7.05
C ARG A 341 8.66 -9.44 -8.31
N PHE A 342 7.75 -9.12 -9.22
CA PHE A 342 8.09 -8.53 -10.51
C PHE A 342 7.14 -7.38 -10.84
N SER A 343 7.55 -6.52 -11.76
CA SER A 343 6.69 -5.41 -12.16
C SER A 343 5.37 -5.91 -12.72
N GLY A 344 5.38 -7.10 -13.33
CA GLY A 344 4.15 -7.70 -13.82
C GLY A 344 3.10 -7.91 -12.73
N ASP A 345 3.55 -8.31 -11.55
CA ASP A 345 2.64 -8.51 -10.42
C ASP A 345 2.01 -7.19 -10.01
N LEU A 346 2.82 -6.13 -10.08
CA LEU A 346 2.35 -4.80 -9.74
C LEU A 346 1.20 -4.38 -10.66
N ALA A 347 1.39 -4.58 -11.95
CA ALA A 347 0.34 -4.26 -12.92
C ALA A 347 -0.94 -5.03 -12.65
N LYS A 348 -0.81 -6.31 -12.35
CA LYS A 348 -1.97 -7.13 -12.06
C LYS A 348 -2.69 -6.66 -10.81
N ALA A 349 -1.92 -6.27 -9.79
CA ALA A 349 -2.52 -5.76 -8.56
C ALA A 349 -3.39 -4.54 -8.83
N MET A 350 -2.93 -3.67 -9.73
CA MET A 350 -3.67 -2.44 -10.04
C MET A 350 -4.98 -2.78 -10.74
N VAL A 351 -4.90 -3.69 -11.70
CA VAL A 351 -6.10 -4.06 -12.49
C VAL A 351 -7.10 -4.81 -11.61
N ALA A 352 -6.63 -5.52 -10.58
CA ALA A 352 -7.54 -6.15 -9.63
C ALA A 352 -8.24 -5.12 -8.73
N GLY A 353 -7.73 -3.89 -8.72
CA GLY A 353 -8.41 -2.82 -8.01
C GLY A 353 -7.59 -2.02 -7.01
N ALA A 354 -6.31 -2.35 -6.84
CA ALA A 354 -5.49 -1.58 -5.90
C ALA A 354 -5.30 -0.15 -6.36
N TYR A 355 -5.22 0.77 -5.41
CA TYR A 355 -4.89 2.17 -5.72
C TYR A 355 -3.38 2.37 -5.77
N CYS A 356 -2.65 1.57 -4.99
CA CYS A 356 -1.21 1.58 -5.01
C CYS A 356 -0.71 0.30 -4.37
N VAL A 357 0.59 0.05 -4.44
CA VAL A 357 1.17 -1.18 -3.97
CA VAL A 357 1.13 -1.18 -3.91
C VAL A 357 2.25 -0.88 -2.92
N MET A 358 2.28 -1.66 -1.85
CA MET A 358 3.34 -1.56 -0.87
C MET A 358 4.36 -2.67 -1.09
N MET A 359 5.64 -2.30 -1.08
CA MET A 359 6.75 -3.21 -1.31
CA MET A 359 6.66 -3.31 -1.23
C MET A 359 7.72 -3.18 -0.15
N GLY A 360 8.27 -4.33 0.22
CA GLY A 360 9.24 -4.41 1.28
C GLY A 360 10.57 -4.94 0.80
N SER A 361 10.66 -6.27 0.73
CA SER A 361 11.94 -6.94 0.51
C SER A 361 12.63 -6.51 -0.78
N MET A 362 11.88 -6.09 -1.79
CA MET A 362 12.50 -5.65 -3.03
C MET A 362 13.33 -4.38 -2.84
N PHE A 363 12.99 -3.60 -1.82
CA PHE A 363 13.71 -2.37 -1.54
C PHE A 363 14.83 -2.58 -0.51
N ALA A 364 14.83 -3.73 0.15
CA ALA A 364 15.67 -3.95 1.33
C ALA A 364 17.18 -3.88 1.05
N GLY A 365 17.59 -4.21 -0.16
CA GLY A 365 19.01 -4.24 -0.46
C GLY A 365 19.60 -2.91 -0.91
N THR A 366 18.76 -1.88 -0.99
CA THR A 366 19.16 -0.64 -1.64
C THR A 366 20.06 0.24 -0.79
N GLU A 367 20.74 1.16 -1.45
CA GLU A 367 21.63 2.12 -0.77
C GLU A 367 20.88 2.91 0.30
N GLU A 368 19.62 3.22 0.03
CA GLU A 368 18.81 4.04 0.93
C GLU A 368 18.21 3.27 2.11
N ALA A 369 18.08 1.96 1.97
CA ALA A 369 17.46 1.14 3.02
C ALA A 369 18.38 1.03 4.23
N PRO A 370 17.81 0.74 5.42
CA PRO A 370 18.68 0.58 6.59
C PRO A 370 19.77 -0.48 6.41
N GLY A 371 20.90 -0.27 7.06
CA GLY A 371 21.92 -1.31 7.13
C GLY A 371 21.45 -2.43 8.04
N GLY A 427 21.74 -1.42 -5.48
CA GLY A 427 22.11 -0.07 -5.86
C GLY A 427 21.11 0.96 -5.37
N ALA A 428 20.91 2.00 -6.18
CA ALA A 428 20.00 3.08 -5.80
C ALA A 428 18.54 2.66 -5.92
N LEU A 429 17.73 3.12 -4.98
CA LEU A 429 16.29 2.90 -5.01
C LEU A 429 15.68 3.37 -6.33
N SER A 430 16.15 4.53 -6.81
CA SER A 430 15.66 5.11 -8.07
C SER A 430 15.63 4.11 -9.24
N ALA A 431 16.62 3.21 -9.30
CA ALA A 431 16.70 2.28 -10.43
C ALA A 431 15.59 1.23 -10.37
N ILE A 432 15.27 0.81 -9.16
CA ILE A 432 14.23 -0.19 -8.94
C ILE A 432 12.87 0.44 -9.20
N VAL A 433 12.67 1.67 -8.71
CA VAL A 433 11.45 2.41 -8.97
C VAL A 433 11.27 2.58 -10.48
N HIS A 434 12.34 2.95 -11.17
CA HIS A 434 12.26 3.17 -12.61
C HIS A 434 11.81 1.90 -13.34
N GLN A 435 12.34 0.75 -12.91
CA GLN A 435 11.99 -0.52 -13.54
C GLN A 435 10.53 -0.88 -13.28
N LEU A 436 10.12 -0.75 -12.02
CA LEU A 436 8.76 -1.08 -11.63
C LEU A 436 7.75 -0.23 -12.39
N MET A 437 7.99 1.07 -12.44
CA MET A 437 7.08 1.94 -13.15
C MET A 437 7.16 1.74 -14.66
N GLY A 438 8.34 1.37 -15.16
CA GLY A 438 8.48 1.02 -16.57
C GLY A 438 7.58 -0.14 -16.96
N GLY A 439 7.55 -1.15 -16.11
CA GLY A 439 6.70 -2.31 -16.32
C GLY A 439 5.23 -1.97 -16.24
N LEU A 440 4.86 -1.13 -15.27
CA LEU A 440 3.47 -0.71 -15.13
C LEU A 440 3.05 0.10 -16.36
N ARG A 441 3.92 1.00 -16.81
CA ARG A 441 3.65 1.78 -18.03
C ARG A 441 3.46 0.86 -19.23
N ALA A 442 4.28 -0.18 -19.32
CA ALA A 442 4.15 -1.14 -20.42
C ALA A 442 2.78 -1.83 -20.37
N ALA A 443 2.37 -2.25 -19.17
CA ALA A 443 1.07 -2.88 -18.99
C ALA A 443 -0.10 -1.96 -19.35
N MET A 444 0.02 -0.69 -18.99
CA MET A 444 -1.02 0.28 -19.31
C MET A 444 -1.09 0.48 -20.81
N GLY A 445 0.06 0.48 -21.47
CA GLY A 445 0.12 0.54 -22.92
C GLY A 445 -0.57 -0.66 -23.57
N TYR A 446 -0.29 -1.86 -23.07
CA TYR A 446 -0.90 -3.07 -23.59
C TYR A 446 -2.41 -3.09 -23.41
N THR A 447 -2.90 -2.56 -22.29
CA THR A 447 -4.33 -2.63 -22.00
C THR A 447 -5.07 -1.40 -22.52
N GLY A 448 -4.32 -0.44 -23.03
CA GLY A 448 -4.92 0.81 -23.51
C GLY A 448 -5.46 1.66 -22.36
N SER A 449 -4.79 1.59 -21.21
CA SER A 449 -5.20 2.38 -20.05
C SER A 449 -4.38 3.65 -19.99
N ALA A 450 -5.06 4.82 -20.09
CA ALA A 450 -4.39 6.10 -20.16
C ALA A 450 -4.00 6.67 -18.80
N ASP A 451 -4.66 6.17 -17.75
CA ASP A 451 -4.41 6.62 -16.39
C ASP A 451 -4.75 5.53 -15.40
N ILE A 452 -4.50 5.77 -14.13
CA ILE A 452 -4.68 4.72 -13.13
C ILE A 452 -6.15 4.37 -12.93
N GLN A 453 -7.01 5.37 -13.01
CA GLN A 453 -8.44 5.09 -12.84
CA GLN A 453 -8.45 5.15 -12.89
C GLN A 453 -8.92 4.10 -13.90
N GLN A 454 -8.49 4.28 -15.14
CA GLN A 454 -8.79 3.35 -16.24
CA GLN A 454 -8.83 3.33 -16.19
C GLN A 454 -8.17 1.98 -15.95
N MET A 455 -6.90 1.97 -15.53
CA MET A 455 -6.20 0.72 -15.27
C MET A 455 -6.89 -0.13 -14.20
N ARG A 456 -7.46 0.53 -13.20
CA ARG A 456 -8.13 -0.13 -12.08
C ARG A 456 -9.47 -0.75 -12.45
N THR A 457 -10.10 -0.19 -13.46
CA THR A 457 -11.52 -0.47 -13.67
C THR A 457 -11.90 -1.07 -15.02
N GLN A 458 -11.03 -0.97 -16.01
CA GLN A 458 -11.41 -1.40 -17.36
C GLN A 458 -10.77 -2.71 -17.89
N PRO A 459 -9.45 -2.90 -17.70
CA PRO A 459 -8.87 -4.11 -18.31
C PRO A 459 -9.37 -5.41 -17.71
N GLN A 460 -9.24 -6.49 -18.49
CA GLN A 460 -9.65 -7.82 -18.08
C GLN A 460 -8.47 -8.77 -17.93
N PHE A 461 -8.68 -9.80 -17.13
CA PHE A 461 -7.75 -10.89 -16.97
C PHE A 461 -8.17 -12.13 -17.75
N VAL A 462 -7.22 -12.97 -18.15
CA VAL A 462 -7.52 -14.38 -18.38
C VAL A 462 -6.99 -15.18 -17.20
N ARG A 463 -7.71 -16.23 -16.86
CA ARG A 463 -7.24 -17.21 -15.89
C ARG A 463 -6.39 -18.23 -16.63
N ILE A 464 -5.27 -18.63 -16.07
CA ILE A 464 -4.41 -19.61 -16.71
C ILE A 464 -4.17 -20.82 -15.82
N THR A 465 -3.69 -21.90 -16.43
CA THR A 465 -3.44 -23.13 -15.67
C THR A 465 -2.00 -23.15 -15.16
N GLY A 466 -1.66 -24.17 -14.37
CA GLY A 466 -0.27 -24.37 -14.00
C GLY A 466 0.64 -24.46 -15.22
N ALA A 467 0.14 -25.05 -16.29
CA ALA A 467 0.90 -25.17 -17.53
C ALA A 467 1.00 -23.81 -18.21
P IMP B . 7.09 -8.02 0.39
O1P IMP B . 7.06 -6.78 -0.52
O2P IMP B . 8.48 -8.13 1.03
O3P IMP B . 6.75 -9.26 -0.43
O5' IMP B . 6.04 -7.92 1.57
C5' IMP B . 6.23 -7.01 2.65
C4' IMP B . 5.15 -7.17 3.48
O4' IMP B . 5.28 -8.44 4.29
C3' IMP B . 5.14 -6.02 4.63
O3' IMP B . 4.57 -4.77 4.08
C2' IMP B . 4.45 -6.53 5.52
O2' IMP B . 3.00 -6.51 5.28
C1' IMP B . 4.94 -8.13 5.54
N9 IMP B . 5.98 -8.29 6.42
C8 IMP B . 7.29 -8.42 6.10
N7 IMP B . 8.00 -8.54 7.22
C5 IMP B . 7.16 -8.50 8.30
C6 IMP B . 7.29 -8.58 9.74
O6 IMP B . 8.57 -8.74 10.33
N1 IMP B . 6.18 -8.50 10.50
C2 IMP B . 4.94 -8.34 9.96
N3 IMP B . 4.78 -8.26 8.63
C4 IMP B . 5.85 -8.33 7.78
MG MG C . 17.43 0.59 12.30
MG MG D . 20.10 0.44 12.13
#